data_7JK1
#
_entry.id   7JK1
#
_cell.length_a   52.558
_cell.length_b   65.732
_cell.length_c   75.179
_cell.angle_alpha   69.660
_cell.angle_beta   82.830
_cell.angle_gamma   88.540
#
_symmetry.space_group_name_H-M   'P 1'
#
loop_
_entity.id
_entity.type
_entity.pdbx_description
1 polymer 'DNA-directed primase/polymerase protein'
2 polymer "DNA (5'-D(P*AP*(8OG)P*CP*GP*CP*TP*AP*CP*CP*AP*CP*AP*CP*CP*CP*C)-3')"
3 polymer "DNA (5'-D(*GP*GP*TP*GP*TP*GP*GP*TP*AP*GP*CP*G)-3')"
4 non-polymer "2'-DEOXYCYTIDINE-5'-TRIPHOSPHATE"
5 non-polymer 'CALCIUM ION'
6 non-polymer GLYCEROL
7 non-polymer DI(HYDROXYETHYL)ETHER
8 water water
#
loop_
_entity_poly.entity_id
_entity_poly.type
_entity_poly.pdbx_seq_one_letter_code
_entity_poly.pdbx_strand_id
1 'polypeptide(L)'
;MNRKWEAKLKQIEERASHYERKPLSSVYRPRLSKPEEPPSIWRLFHRQAQAFNFVKSCKEDVHVFALECKVGDGQRIYLV
TTYAEFWFYYKSRKNLLHCYEVIPENAVCKLYFDLEFNKPANPGADGKKMVALLIEYVCKALQELYGVNCSAEDVLNLDS
STDEKFSRHLIFQLHDVAFKDNIHVGNFLRKILQPALDLLGSEDDDSAPETTGHGFPHFSEAPARQGFSFNKMFTEKATE
ESWTSNSKKLERLGSAEQSSPDLSFLVVKNNMGEKHLFVDLGVYTRNRNFRLYKSSKIGKRVALEVTEDNKFFPIQSKDV
SDEYQYFLSSLVSNVRFSDTLRILTCEPSQNKQK
;
A,B
2 'polydeoxyribonucleotide' (DC)(DA)(8OG)(DC)(DG)(DC)(DT)(DA)(DC)(DC)(DA)(DC)(DA)(DC)(DC)(DC)(DC) C,G
3 'polydeoxyribonucleotide' (DG)(DG)(DT)(DG)(DT)(DG)(DG)(DT)(DA)(DG)(DC)(DG) D,F
#
loop_
_chem_comp.id
_chem_comp.type
_chem_comp.name
_chem_comp.formula
8OG DNA linking 8-OXO-2'-DEOXY-GUANOSINE-5'-MONOPHOSPHATE 'C10 H14 N5 O8 P'
CA non-polymer 'CALCIUM ION' 'Ca 2'
DA DNA linking 2'-DEOXYADENOSINE-5'-MONOPHOSPHATE 'C10 H14 N5 O6 P'
DC DNA linking 2'-DEOXYCYTIDINE-5'-MONOPHOSPHATE 'C9 H14 N3 O7 P'
DCP non-polymer 2'-DEOXYCYTIDINE-5'-TRIPHOSPHATE 'C9 H16 N3 O13 P3'
DG DNA linking 2'-DEOXYGUANOSINE-5'-MONOPHOSPHATE 'C10 H14 N5 O7 P'
DT DNA linking THYMIDINE-5'-MONOPHOSPHATE 'C10 H15 N2 O8 P'
GOL non-polymer GLYCEROL 'C3 H8 O3'
PEG non-polymer DI(HYDROXYETHYL)ETHER 'C4 H10 O3'
#
# COMPACT_ATOMS: atom_id res chain seq x y z
N ASN A 2 17.68 -7.75 4.16
CA ASN A 2 18.94 -7.11 4.52
C ASN A 2 19.35 -7.48 5.94
N ARG A 3 18.51 -7.11 6.91
CA ARG A 3 18.76 -7.43 8.31
C ARG A 3 18.25 -8.81 8.70
N LYS A 4 17.78 -9.60 7.74
CA LYS A 4 17.39 -10.97 8.03
C LYS A 4 18.60 -11.82 8.40
N TRP A 5 19.77 -11.52 7.83
CA TRP A 5 20.98 -12.25 8.17
C TRP A 5 21.41 -11.96 9.60
N GLU A 6 21.26 -10.71 10.04
CA GLU A 6 21.58 -10.34 11.42
C GLU A 6 20.54 -10.83 12.40
N ALA A 7 19.42 -11.40 11.93
CA ALA A 7 18.39 -11.89 12.83
C ALA A 7 18.82 -13.21 13.50
N LYS A 8 19.06 -14.24 12.69
CA LYS A 8 19.48 -15.52 13.26
C LYS A 8 20.89 -15.47 13.81
N LEU A 9 21.73 -14.52 13.36
CA LEU A 9 23.02 -14.33 14.00
C LEU A 9 22.86 -13.99 15.48
N LYS A 10 21.71 -13.45 15.88
CA LYS A 10 21.38 -13.36 17.30
C LYS A 10 20.97 -14.71 17.86
N GLN A 11 20.39 -15.58 17.03
CA GLN A 11 20.12 -16.95 17.45
C GLN A 11 21.42 -17.75 17.55
N ILE A 12 22.31 -17.59 16.56
CA ILE A 12 23.64 -18.16 16.66
C ILE A 12 24.37 -17.59 17.86
N GLU A 13 24.25 -16.28 18.08
CA GLU A 13 24.83 -15.66 19.25
C GLU A 13 24.22 -16.19 20.54
N GLU A 14 23.02 -16.76 20.47
CA GLU A 14 22.35 -17.33 21.64
C GLU A 14 22.78 -18.78 21.91
N ARG A 15 24.00 -19.14 21.55
CA ARG A 15 24.49 -20.49 21.82
C ARG A 15 25.05 -20.60 23.23
N ALA A 16 25.90 -19.64 23.62
CA ALA A 16 26.48 -19.61 24.95
C ALA A 16 25.63 -18.81 25.94
N SER A 17 24.30 -18.83 25.77
CA SER A 17 23.41 -18.08 26.65
C SER A 17 22.19 -18.93 27.01
N GLU A 36 -11.23 -31.81 27.89
CA GLU A 36 -10.36 -30.92 27.13
C GLU A 36 -10.58 -29.47 27.54
N GLU A 37 -9.48 -28.73 27.71
CA GLU A 37 -9.55 -27.33 28.08
C GLU A 37 -10.16 -26.52 26.94
N PRO A 38 -10.40 -25.23 27.16
CA PRO A 38 -10.95 -24.39 26.10
C PRO A 38 -9.84 -23.81 25.24
N PRO A 39 -10.13 -23.45 24.00
CA PRO A 39 -9.08 -22.94 23.11
C PRO A 39 -8.57 -21.57 23.51
N SER A 40 -7.34 -21.51 24.03
CA SER A 40 -6.74 -20.25 24.47
C SER A 40 -5.27 -20.25 24.08
N ILE A 41 -4.83 -19.16 23.45
CA ILE A 41 -3.44 -18.98 23.02
C ILE A 41 -2.80 -17.98 23.95
N TRP A 42 -1.82 -18.44 24.74
CA TRP A 42 -1.15 -17.58 25.73
C TRP A 42 0.30 -18.07 25.83
N ARG A 43 1.14 -17.58 24.91
CA ARG A 43 2.52 -17.99 24.81
C ARG A 43 3.43 -16.81 25.11
N LEU A 44 4.34 -17.00 26.06
CA LEU A 44 5.34 -16.00 26.41
C LEU A 44 6.68 -16.36 25.79
N PHE A 45 7.49 -15.33 25.54
CA PHE A 45 8.81 -15.50 24.97
C PHE A 45 9.75 -14.48 25.58
N HIS A 46 11.00 -14.89 25.78
CA HIS A 46 12.03 -14.00 26.29
C HIS A 46 12.74 -13.23 25.17
N ARG A 47 12.58 -13.66 23.92
CA ARG A 47 13.18 -13.00 22.78
C ARG A 47 12.08 -12.53 21.84
N GLN A 48 12.09 -11.24 21.52
CA GLN A 48 11.08 -10.67 20.63
C GLN A 48 11.03 -11.42 19.31
N ALA A 49 12.15 -11.95 18.85
CA ALA A 49 12.17 -12.67 17.57
C ALA A 49 11.38 -13.96 17.66
N GLN A 50 11.51 -14.69 18.77
CA GLN A 50 10.75 -15.93 18.93
C GLN A 50 9.24 -15.65 18.96
N ALA A 51 8.83 -14.49 19.47
CA ALA A 51 7.42 -14.13 19.45
C ALA A 51 6.89 -14.08 18.02
N PHE A 52 7.53 -13.27 17.17
CA PHE A 52 7.08 -13.12 15.79
C PHE A 52 7.24 -14.41 14.98
N ASN A 53 8.13 -15.32 15.41
CA ASN A 53 8.21 -16.62 14.75
C ASN A 53 6.95 -17.45 15.01
N PHE A 54 6.43 -17.39 16.23
CA PHE A 54 5.23 -18.14 16.56
C PHE A 54 4.01 -17.57 15.85
N VAL A 55 3.94 -16.24 15.73
CA VAL A 55 2.79 -15.61 15.08
C VAL A 55 2.65 -16.13 13.65
N LYS A 56 3.77 -16.22 12.93
CA LYS A 56 3.73 -16.73 11.56
C LYS A 56 3.26 -18.19 11.53
N SER A 57 3.71 -18.99 12.50
CA SER A 57 3.33 -20.40 12.58
C SER A 57 2.08 -20.59 13.43
N CYS A 58 1.07 -19.75 13.19
CA CYS A 58 -0.17 -19.80 13.94
C CYS A 58 -1.30 -19.30 13.06
N LYS A 59 -2.47 -19.92 13.18
CA LYS A 59 -3.59 -19.63 12.30
C LYS A 59 -4.47 -18.49 12.82
N GLU A 60 -4.65 -18.38 14.13
CA GLU A 60 -5.57 -17.39 14.69
C GLU A 60 -4.97 -15.99 14.58
N ASP A 61 -5.87 -15.00 14.46
CA ASP A 61 -5.46 -13.59 14.42
C ASP A 61 -4.77 -13.23 15.72
N VAL A 62 -3.44 -13.36 15.75
CA VAL A 62 -2.66 -13.22 16.97
C VAL A 62 -1.71 -12.03 16.82
N HIS A 63 -1.32 -11.46 17.96
CA HIS A 63 -0.47 -10.28 17.97
C HIS A 63 0.52 -10.37 19.12
N VAL A 64 1.52 -9.49 19.09
CA VAL A 64 2.63 -9.50 20.03
C VAL A 64 2.48 -8.33 21.00
N PHE A 65 2.53 -8.63 22.29
CA PHE A 65 2.55 -7.62 23.34
C PHE A 65 3.88 -7.69 24.08
N ALA A 66 4.20 -6.60 24.78
CA ALA A 66 5.43 -6.52 25.56
C ALA A 66 5.09 -6.11 26.98
N LEU A 67 5.46 -6.95 27.94
CA LEU A 67 5.21 -6.70 29.36
C LEU A 67 6.52 -6.40 30.06
N GLU A 68 6.57 -5.28 30.78
CA GLU A 68 7.77 -4.89 31.48
C GLU A 68 7.98 -5.73 32.74
N CYS A 69 9.22 -6.05 33.04
CA CYS A 69 9.59 -6.86 34.18
C CYS A 69 10.01 -5.97 35.36
N LYS A 70 9.92 -6.55 36.56
CA LYS A 70 10.20 -5.80 37.78
C LYS A 70 11.50 -5.01 37.72
N VAL A 71 12.45 -5.41 36.86
CA VAL A 71 13.69 -4.68 36.73
C VAL A 71 13.40 -3.21 36.46
N GLY A 72 14.19 -2.34 37.09
CA GLY A 72 14.02 -0.91 36.92
C GLY A 72 14.25 -0.44 35.50
N ASP A 73 15.05 -1.16 34.71
CA ASP A 73 15.31 -0.80 33.33
C ASP A 73 14.15 -1.20 32.44
N GLY A 74 14.38 -1.24 31.12
CA GLY A 74 13.32 -1.53 30.18
C GLY A 74 13.28 -2.99 29.74
N GLN A 75 13.79 -3.90 30.57
CA GLN A 75 13.73 -5.31 30.25
C GLN A 75 12.28 -5.74 30.07
N ARG A 76 11.99 -6.43 28.95
CA ARG A 76 10.65 -6.77 28.57
C ARG A 76 10.55 -8.25 28.22
N ILE A 77 9.39 -8.83 28.52
CA ILE A 77 9.00 -10.14 28.00
C ILE A 77 7.84 -9.92 27.04
N TYR A 78 7.61 -10.92 26.19
CA TYR A 78 6.73 -10.75 25.04
C TYR A 78 5.63 -11.80 25.07
N LEU A 79 4.39 -11.34 25.21
CA LEU A 79 3.21 -12.19 25.18
C LEU A 79 2.65 -12.26 23.77
N VAL A 80 2.06 -13.40 23.43
CA VAL A 80 1.48 -13.63 22.12
C VAL A 80 0.09 -14.22 22.32
N THR A 81 -0.94 -13.51 21.90
CA THR A 81 -2.32 -13.94 22.06
C THR A 81 -3.21 -13.06 21.20
N THR A 82 -4.51 -13.34 21.25
CA THR A 82 -5.49 -12.57 20.51
C THR A 82 -5.95 -11.36 21.30
N TYR A 83 -6.49 -10.36 20.59
CA TYR A 83 -6.97 -9.16 21.25
C TYR A 83 -8.07 -9.47 22.25
N ALA A 84 -8.96 -10.41 21.91
CA ALA A 84 -10.05 -10.76 22.81
C ALA A 84 -9.54 -11.38 24.09
N GLU A 85 -8.75 -12.46 23.98
CA GLU A 85 -8.24 -13.12 25.18
C GLU A 85 -7.36 -12.20 26.00
N PHE A 86 -6.63 -11.30 25.36
CA PHE A 86 -5.81 -10.35 26.11
C PHE A 86 -6.68 -9.42 26.94
N TRP A 87 -7.69 -8.81 26.32
CA TRP A 87 -8.58 -7.92 27.04
C TRP A 87 -9.30 -8.63 28.17
N PHE A 88 -9.61 -9.92 27.99
CA PHE A 88 -10.28 -10.68 29.04
C PHE A 88 -9.48 -10.66 30.33
N TYR A 89 -8.19 -10.96 30.26
CA TYR A 89 -7.31 -10.97 31.43
C TYR A 89 -6.68 -9.60 31.70
N TYR A 90 -7.09 -8.58 30.97
CA TYR A 90 -6.49 -7.25 31.08
C TYR A 90 -7.47 -6.17 31.51
N LYS A 91 -8.77 -6.34 31.24
CA LYS A 91 -9.73 -5.27 31.45
C LYS A 91 -9.78 -4.82 32.91
N SER A 92 -9.71 -5.77 33.85
CA SER A 92 -9.85 -5.42 35.25
C SER A 92 -8.74 -4.50 35.74
N ARG A 93 -7.61 -4.45 35.03
CA ARG A 93 -6.45 -3.65 35.43
C ARG A 93 -5.89 -4.08 36.78
N LYS A 94 -6.14 -5.32 37.18
CA LYS A 94 -5.51 -5.87 38.37
C LYS A 94 -4.24 -6.64 38.03
N ASN A 95 -4.17 -7.20 36.84
CA ASN A 95 -2.98 -7.90 36.34
C ASN A 95 -2.54 -7.26 35.02
N LEU A 96 -1.46 -7.77 34.46
CA LEU A 96 -0.89 -7.27 33.20
C LEU A 96 -0.80 -5.75 33.22
N LEU A 97 -0.01 -5.25 34.17
CA LEU A 97 0.30 -3.83 34.23
C LEU A 97 1.56 -3.54 33.43
N HIS A 98 1.63 -2.33 32.88
CA HIS A 98 2.79 -1.89 32.12
C HIS A 98 2.99 -2.77 30.88
N CYS A 99 2.01 -2.65 29.98
CA CYS A 99 2.01 -3.39 28.72
C CYS A 99 2.21 -2.44 27.55
N TYR A 100 2.77 -2.97 26.47
CA TYR A 100 3.11 -2.16 25.30
C TYR A 100 2.74 -2.92 24.03
N GLU A 101 2.21 -2.18 23.05
CA GLU A 101 1.95 -2.75 21.74
C GLU A 101 3.25 -2.82 20.96
N VAL A 102 3.49 -3.96 20.31
CA VAL A 102 4.69 -4.17 19.49
C VAL A 102 4.24 -3.93 18.05
N ILE A 103 4.39 -2.70 17.59
CA ILE A 103 4.03 -2.32 16.22
C ILE A 103 4.93 -3.09 15.27
N PRO A 104 4.45 -4.15 14.62
CA PRO A 104 5.35 -4.97 13.80
C PRO A 104 5.92 -4.18 12.63
N GLU A 105 7.17 -4.50 12.28
CA GLU A 105 7.80 -3.89 11.13
C GLU A 105 7.21 -4.44 9.84
N ASN A 106 7.13 -3.56 8.82
CA ASN A 106 6.57 -3.90 7.52
C ASN A 106 5.08 -4.18 7.57
N ALA A 107 4.42 -3.85 8.68
CA ALA A 107 2.99 -4.11 8.85
C ALA A 107 2.21 -2.82 8.68
N VAL A 108 1.11 -2.89 7.92
CA VAL A 108 0.24 -1.74 7.77
C VAL A 108 -0.23 -1.27 9.14
N CYS A 109 -0.24 0.04 9.34
CA CYS A 109 -0.58 0.61 10.64
C CYS A 109 -1.27 1.95 10.45
N LYS A 110 -1.73 2.51 11.56
CA LYS A 110 -2.42 3.80 11.56
C LYS A 110 -1.43 4.93 11.74
N LEU A 111 -1.92 6.15 11.49
CA LEU A 111 -1.17 7.35 11.83
C LEU A 111 -1.33 7.62 13.32
N TYR A 112 -0.20 7.75 14.03
CA TYR A 112 -0.22 7.96 15.46
C TYR A 112 0.84 8.98 15.84
N PHE A 113 0.71 9.52 17.06
CA PHE A 113 1.58 10.59 17.54
C PHE A 113 1.91 10.38 19.01
N ASP A 114 3.15 10.67 19.38
CA ASP A 114 3.57 10.76 20.77
C ASP A 114 3.91 12.21 21.05
N LEU A 115 3.07 12.89 21.82
CA LEU A 115 3.19 14.31 22.09
C LEU A 115 3.58 14.52 23.55
N GLU A 116 4.60 15.33 23.79
CA GLU A 116 5.09 15.53 25.15
C GLU A 116 5.95 16.78 25.23
N PHE A 117 5.87 17.45 26.38
CA PHE A 117 6.80 18.52 26.73
C PHE A 117 6.83 18.64 28.25
N ASN A 118 7.93 19.23 28.74
CA ASN A 118 8.11 19.40 30.18
C ASN A 118 7.37 20.64 30.64
N LYS A 119 6.45 20.47 31.59
CA LYS A 119 5.61 21.58 32.03
C LYS A 119 6.41 22.70 32.68
N PRO A 120 7.29 22.43 33.66
CA PRO A 120 8.06 23.53 34.28
C PRO A 120 8.81 24.39 33.27
N ALA A 121 9.32 23.79 32.20
CA ALA A 121 10.12 24.52 31.22
C ALA A 121 9.28 25.15 30.12
N ASN A 122 7.97 24.91 30.09
CA ASN A 122 7.09 25.43 29.05
C ASN A 122 5.76 25.83 29.68
N PRO A 123 5.77 26.85 30.53
CA PRO A 123 4.54 27.24 31.23
C PRO A 123 3.58 28.03 30.35
N GLY A 124 4.12 28.85 29.45
CA GLY A 124 3.27 29.71 28.65
C GLY A 124 2.39 28.96 27.67
N ALA A 125 2.84 27.79 27.20
CA ALA A 125 2.12 27.04 26.20
C ALA A 125 0.93 26.32 26.81
N ASP A 126 -0.15 26.21 26.03
CA ASP A 126 -1.38 25.54 26.45
C ASP A 126 -1.51 24.24 25.66
N GLY A 127 -1.45 23.12 26.37
CA GLY A 127 -1.45 21.82 25.70
C GLY A 127 -2.68 21.62 24.82
N LYS A 128 -3.86 21.83 25.38
CA LYS A 128 -5.09 21.58 24.64
C LYS A 128 -5.10 22.28 23.29
N LYS A 129 -4.58 23.50 23.25
CA LYS A 129 -4.62 24.28 22.00
C LYS A 129 -3.57 23.79 21.00
N MET A 130 -2.46 23.26 21.47
CA MET A 130 -1.41 22.78 20.57
C MET A 130 -1.84 21.49 19.88
N VAL A 131 -2.39 20.54 20.64
CA VAL A 131 -2.83 19.28 20.05
C VAL A 131 -3.93 19.54 19.02
N ALA A 132 -4.80 20.52 19.28
CA ALA A 132 -5.85 20.85 18.32
C ALA A 132 -5.25 21.46 17.05
N LEU A 133 -4.26 22.34 17.19
CA LEU A 133 -3.63 22.94 16.03
C LEU A 133 -2.84 21.90 15.23
N LEU A 134 -2.19 20.97 15.92
CA LEU A 134 -1.46 19.92 15.22
C LEU A 134 -2.39 19.08 14.35
N ILE A 135 -3.53 18.67 14.92
CA ILE A 135 -4.51 17.89 14.16
C ILE A 135 -4.98 18.70 12.95
N GLU A 136 -5.38 19.96 13.18
CA GLU A 136 -5.85 20.79 12.08
C GLU A 136 -4.83 20.84 10.94
N TYR A 137 -3.55 20.87 11.27
CA TYR A 137 -2.52 20.90 10.24
C TYR A 137 -2.33 19.54 9.59
N VAL A 138 -2.28 18.48 10.39
CA VAL A 138 -2.11 17.14 9.83
C VAL A 138 -3.27 16.82 8.88
N CYS A 139 -4.50 17.17 9.27
CA CYS A 139 -5.65 16.89 8.42
C CYS A 139 -5.53 17.60 7.09
N LYS A 140 -5.14 18.88 7.12
CA LYS A 140 -4.90 19.59 5.86
C LYS A 140 -3.83 18.90 5.05
N ALA A 141 -2.75 18.45 5.70
CA ALA A 141 -1.70 17.71 4.99
C ALA A 141 -2.24 16.44 4.37
N LEU A 142 -3.04 15.68 5.13
CA LEU A 142 -3.60 14.44 4.61
C LEU A 142 -4.53 14.67 3.42
N GLN A 143 -5.11 15.87 3.30
CA GLN A 143 -6.00 16.16 2.18
C GLN A 143 -5.20 16.59 0.95
N GLU A 144 -4.10 17.31 1.13
CA GLU A 144 -3.34 17.80 -0.01
C GLU A 144 -2.41 16.74 -0.58
N LEU A 145 -1.81 15.91 0.28
CA LEU A 145 -0.87 14.91 -0.20
C LEU A 145 -1.60 13.70 -0.78
N TYR A 146 -2.53 13.12 -0.01
CA TYR A 146 -3.18 11.87 -0.40
C TYR A 146 -4.65 12.01 -0.72
N GLY A 147 -5.24 13.18 -0.53
CA GLY A 147 -6.67 13.33 -0.73
C GLY A 147 -7.49 12.57 0.30
N VAL A 148 -7.02 12.53 1.54
CA VAL A 148 -7.69 11.84 2.63
C VAL A 148 -8.29 12.90 3.55
N ASN A 149 -9.61 12.90 3.68
CA ASN A 149 -10.33 13.87 4.49
C ASN A 149 -10.67 13.26 5.84
N CYS A 150 -10.20 13.89 6.91
CA CYS A 150 -10.54 13.48 8.26
C CYS A 150 -10.51 14.73 9.14
N SER A 151 -11.11 14.61 10.32
CA SER A 151 -11.20 15.71 11.27
C SER A 151 -10.80 15.20 12.65
N ALA A 152 -10.82 16.10 13.63
CA ALA A 152 -10.52 15.72 15.01
C ALA A 152 -11.48 14.66 15.53
N GLU A 153 -12.65 14.50 14.89
CA GLU A 153 -13.59 13.47 15.29
C GLU A 153 -13.09 12.07 14.95
N ASP A 154 -12.00 11.95 14.20
CA ASP A 154 -11.40 10.66 13.87
C ASP A 154 -10.06 10.45 14.58
N VAL A 155 -9.80 11.21 15.64
CA VAL A 155 -8.52 11.18 16.35
C VAL A 155 -8.79 10.75 17.78
N LEU A 156 -8.48 9.50 18.09
CA LEU A 156 -8.58 9.02 19.47
C LEU A 156 -7.50 9.71 20.30
N ASN A 157 -7.92 10.48 21.29
CA ASN A 157 -7.02 11.29 22.10
C ASN A 157 -6.81 10.61 23.46
N LEU A 158 -5.56 10.24 23.74
CA LEU A 158 -5.20 9.61 25.00
C LEU A 158 -4.26 10.53 25.78
N ASP A 159 -4.34 10.45 27.10
CA ASP A 159 -3.55 11.31 27.99
C ASP A 159 -2.91 10.48 29.09
N SER A 160 -1.73 10.92 29.51
CA SER A 160 -0.99 10.27 30.59
C SER A 160 -0.07 11.28 31.26
N SER A 161 -0.54 12.52 31.39
CA SER A 161 0.28 13.60 31.91
C SER A 161 0.49 13.45 33.42
N THR A 162 1.55 14.08 33.90
CA THR A 162 1.83 14.22 35.32
C THR A 162 1.92 15.71 35.65
N ASP A 163 2.39 16.01 36.86
CA ASP A 163 2.72 17.39 37.21
C ASP A 163 4.03 17.83 36.59
N GLU A 164 4.86 16.89 36.13
CA GLU A 164 6.14 17.20 35.52
C GLU A 164 6.13 17.11 33.99
N LYS A 165 5.20 16.35 33.41
CA LYS A 165 5.24 16.06 31.99
C LYS A 165 3.83 16.04 31.42
N PHE A 166 3.56 16.92 30.44
CA PHE A 166 2.35 16.84 29.64
C PHE A 166 2.55 15.76 28.58
N SER A 167 1.74 14.71 28.65
CA SER A 167 1.93 13.52 27.81
C SER A 167 0.60 13.13 27.19
N ARG A 168 0.61 12.87 25.88
CA ARG A 168 -0.60 12.48 25.17
C ARG A 168 -0.24 11.64 23.94
N HIS A 169 -1.09 10.67 23.65
CA HIS A 169 -0.97 9.83 22.46
C HIS A 169 -2.18 10.05 21.58
N LEU A 170 -1.96 10.20 20.28
CA LEU A 170 -3.02 10.32 19.31
C LEU A 170 -2.96 9.14 18.35
N ILE A 171 -4.10 8.51 18.11
CA ILE A 171 -4.21 7.40 17.16
C ILE A 171 -5.34 7.76 16.20
N PHE A 172 -4.99 7.99 14.94
CA PHE A 172 -5.97 8.38 13.94
C PHE A 172 -6.77 7.17 13.48
N GLN A 173 -8.07 7.37 13.27
CA GLN A 173 -8.99 6.31 12.88
C GLN A 173 -9.51 6.60 11.48
N LEU A 174 -8.60 6.57 10.51
CA LEU A 174 -8.94 6.89 9.13
C LEU A 174 -9.79 5.79 8.52
N HIS A 175 -10.83 6.18 7.79
CA HIS A 175 -11.77 5.24 7.20
C HIS A 175 -11.22 4.71 5.89
N ASP A 176 -10.93 3.40 5.84
CA ASP A 176 -10.46 2.75 4.63
C ASP A 176 -9.10 3.29 4.19
N VAL A 177 -8.29 3.75 5.14
CA VAL A 177 -6.97 4.29 4.85
C VAL A 177 -6.00 3.79 5.91
N ALA A 178 -4.76 3.56 5.48
CA ALA A 178 -3.70 3.13 6.39
C ALA A 178 -2.36 3.38 5.72
N PHE A 179 -1.31 3.36 6.52
CA PHE A 179 0.05 3.56 6.03
C PHE A 179 0.74 2.22 5.80
N LYS A 180 1.65 2.19 4.84
CA LYS A 180 2.38 0.97 4.53
C LYS A 180 3.00 0.36 5.77
N ASP A 181 3.58 1.20 6.63
CA ASP A 181 4.14 0.79 7.91
C ASP A 181 4.49 2.05 8.68
N ASN A 182 4.98 1.87 9.91
CA ASN A 182 5.22 3.02 10.78
C ASN A 182 6.44 3.83 10.31
N ILE A 183 7.38 3.19 9.62
CA ILE A 183 8.51 3.94 9.07
C ILE A 183 8.02 4.98 8.07
N HIS A 184 7.04 4.62 7.24
CA HIS A 184 6.46 5.59 6.31
C HIS A 184 5.62 6.64 7.03
N VAL A 185 5.09 6.31 8.22
CA VAL A 185 4.43 7.31 9.03
C VAL A 185 5.43 8.38 9.47
N GLY A 186 6.63 7.95 9.85
CA GLY A 186 7.66 8.90 10.23
C GLY A 186 8.09 9.78 9.06
N ASN A 187 8.28 9.18 7.89
CA ASN A 187 8.61 9.96 6.71
C ASN A 187 7.51 10.96 6.39
N PHE A 188 6.25 10.58 6.61
CA PHE A 188 5.15 11.50 6.39
C PHE A 188 5.25 12.72 7.31
N LEU A 189 5.59 12.49 8.58
CA LEU A 189 5.61 13.60 9.54
C LEU A 189 6.86 14.45 9.37
N ARG A 190 8.03 13.82 9.19
CA ARG A 190 9.24 14.59 8.92
C ARG A 190 9.07 15.47 7.69
N LYS A 191 8.30 15.03 6.70
CA LYS A 191 8.03 15.84 5.53
C LYS A 191 7.21 17.07 5.88
N ILE A 192 6.01 16.85 6.41
CA ILE A 192 5.11 17.97 6.67
C ILE A 192 5.59 18.84 7.83
N LEU A 193 6.42 18.29 8.73
CA LEU A 193 6.96 19.05 9.85
C LEU A 193 8.35 19.57 9.58
N GLN A 194 8.79 19.58 8.32
CA GLN A 194 10.10 20.10 7.98
C GLN A 194 10.15 21.60 8.22
N PRO A 195 9.11 22.36 7.86
CA PRO A 195 9.13 23.80 8.19
C PRO A 195 9.33 24.08 9.67
N ALA A 196 8.65 23.32 10.54
CA ALA A 196 8.83 23.51 11.98
C ALA A 196 10.22 23.07 12.43
N LEU A 197 10.74 22.00 11.83
CA LEU A 197 12.06 21.52 12.18
C LEU A 197 13.14 22.55 11.88
N ASP A 198 12.89 23.45 10.92
CA ASP A 198 13.88 24.46 10.57
C ASP A 198 14.16 25.39 11.74
N LEU A 199 13.21 25.55 12.65
CA LEU A 199 13.37 26.43 13.81
C LEU A 199 13.89 25.68 15.02
N LEU A 200 14.84 24.77 14.83
CA LEU A 200 15.39 23.98 15.93
C LEU A 200 15.92 24.89 17.04
N PRO A 261 3.98 26.72 7.66
CA PRO A 261 3.27 27.99 7.74
C PRO A 261 2.71 28.26 9.15
N ASP A 262 3.47 29.00 9.95
CA ASP A 262 3.08 29.34 11.32
C ASP A 262 3.06 28.11 12.22
N LEU A 263 3.94 27.14 11.97
CA LEU A 263 4.05 25.94 12.78
C LEU A 263 4.94 26.13 14.00
N SER A 264 5.17 27.38 14.42
CA SER A 264 6.04 27.64 15.56
C SER A 264 5.48 27.10 16.87
N PHE A 265 4.16 26.85 16.94
CA PHE A 265 3.55 26.37 18.16
C PHE A 265 4.05 24.99 18.56
N LEU A 266 4.76 24.29 17.69
CA LEU A 266 5.27 22.96 17.99
C LEU A 266 6.60 22.98 18.72
N VAL A 267 7.26 24.13 18.81
CA VAL A 267 8.56 24.22 19.46
C VAL A 267 8.36 24.30 20.97
N VAL A 268 9.13 23.51 21.72
CA VAL A 268 9.08 23.50 23.17
C VAL A 268 10.49 23.37 23.71
N LYS A 269 10.70 23.94 24.91
CA LYS A 269 12.00 23.88 25.57
C LYS A 269 12.05 22.67 26.50
N ASN A 270 13.15 21.94 26.45
CA ASN A 270 13.32 20.75 27.28
C ASN A 270 13.96 21.14 28.62
N ASN A 271 14.37 20.14 29.39
CA ASN A 271 14.92 20.40 30.72
C ASN A 271 16.19 21.23 30.65
N MET A 272 17.11 20.86 29.73
CA MET A 272 18.40 21.50 29.64
C MET A 272 18.37 22.76 28.77
N GLY A 273 17.20 23.36 28.59
CA GLY A 273 17.09 24.60 27.83
C GLY A 273 17.11 24.44 26.33
N GLU A 274 17.38 23.25 25.81
CA GLU A 274 17.41 23.04 24.36
C GLU A 274 16.02 23.22 23.77
N LYS A 275 15.99 23.48 22.46
CA LYS A 275 14.75 23.67 21.72
C LYS A 275 14.40 22.37 21.02
N HIS A 276 13.30 21.75 21.45
CA HIS A 276 12.83 20.48 20.89
C HIS A 276 11.47 20.69 20.22
N LEU A 277 10.97 19.62 19.60
CA LEU A 277 9.70 19.65 18.90
C LEU A 277 8.64 18.95 19.72
N PHE A 278 7.46 19.56 19.78
CA PHE A 278 6.34 18.98 20.52
C PHE A 278 6.04 17.55 20.09
N VAL A 279 6.21 17.25 18.81
CA VAL A 279 5.99 15.91 18.28
C VAL A 279 7.26 15.08 18.48
N ASP A 280 7.11 13.91 19.07
CA ASP A 280 8.23 13.00 19.29
C ASP A 280 8.40 12.15 18.03
N LEU A 281 9.33 12.56 17.17
CA LEU A 281 9.59 11.85 15.92
C LEU A 281 10.50 10.64 16.10
N GLY A 282 10.74 10.21 17.33
CA GLY A 282 11.57 9.05 17.61
C GLY A 282 10.80 7.78 17.91
N VAL A 283 9.49 7.76 17.67
CA VAL A 283 8.68 6.58 17.92
C VAL A 283 8.30 5.89 16.60
N TYR A 284 9.05 6.13 15.53
CA TYR A 284 8.74 5.55 14.22
C TYR A 284 9.88 4.65 13.76
N THR A 285 10.15 3.61 14.54
CA THR A 285 11.24 2.67 14.30
C THR A 285 10.68 1.26 14.15
N ARG A 286 11.56 0.35 13.74
CA ARG A 286 11.16 -1.04 13.57
C ARG A 286 10.76 -1.66 14.92
N ASN A 287 9.62 -2.34 14.92
CA ASN A 287 9.11 -3.03 16.11
C ASN A 287 9.06 -2.11 17.31
N ARG A 288 8.53 -0.91 17.10
CA ARG A 288 8.45 0.08 18.16
C ARG A 288 7.42 -0.35 19.21
N ASN A 289 7.80 -0.22 20.48
CA ASN A 289 6.89 -0.45 21.58
C ASN A 289 6.09 0.83 21.84
N PHE A 290 4.81 0.66 22.18
CA PHE A 290 3.93 1.81 22.40
C PHE A 290 2.96 1.45 23.53
N ARG A 291 2.96 2.27 24.59
CA ARG A 291 2.25 1.91 25.81
C ARG A 291 0.75 1.78 25.54
N LEU A 292 0.17 0.70 26.06
CA LEU A 292 -1.22 0.39 25.76
C LEU A 292 -2.18 1.33 26.49
N TYR A 293 -3.41 1.36 26.00
CA TYR A 293 -4.50 1.99 26.70
C TYR A 293 -4.65 1.36 28.08
N LYS A 294 -4.77 2.22 29.10
CA LYS A 294 -4.91 1.80 30.50
C LYS A 294 -3.64 1.15 31.06
N SER A 295 -2.49 1.40 30.45
CA SER A 295 -1.22 0.90 30.95
C SER A 295 -0.34 2.06 31.39
N SER A 296 0.52 1.80 32.37
CA SER A 296 1.41 2.80 32.94
C SER A 296 2.83 2.27 32.91
N LYS A 297 3.79 3.19 32.86
CA LYS A 297 5.19 2.79 32.92
C LYS A 297 5.48 2.14 34.27
N ILE A 298 6.35 1.12 34.24
CA ILE A 298 6.58 0.31 35.44
C ILE A 298 7.05 1.17 36.60
N GLY A 299 7.80 2.24 36.32
CA GLY A 299 8.22 3.14 37.37
C GLY A 299 7.05 3.95 37.92
N LYS A 300 6.53 4.87 37.12
CA LYS A 300 5.44 5.74 37.54
C LYS A 300 4.18 4.90 37.79
N ARG A 301 3.06 5.59 38.01
CA ARG A 301 1.77 4.93 38.25
C ARG A 301 0.66 5.52 37.40
N VAL A 302 0.98 6.40 36.46
CA VAL A 302 -0.02 7.06 35.63
C VAL A 302 -0.26 6.21 34.39
N ALA A 303 -1.51 5.80 34.20
CA ALA A 303 -1.91 5.00 33.04
C ALA A 303 -2.55 5.88 31.98
N LEU A 304 -2.50 5.40 30.74
CA LEU A 304 -3.10 6.12 29.62
C LEU A 304 -4.62 5.96 29.65
N GLU A 305 -5.33 7.10 29.63
CA GLU A 305 -6.78 7.12 29.63
C GLU A 305 -7.27 8.07 28.56
N VAL A 306 -8.53 7.90 28.17
CA VAL A 306 -9.12 8.74 27.13
C VAL A 306 -9.08 10.19 27.62
N THR A 307 -8.45 11.06 26.82
CA THR A 307 -8.33 12.46 27.17
C THR A 307 -9.72 13.06 27.40
N GLU A 308 -9.74 14.15 28.17
CA GLU A 308 -11.00 14.79 28.52
C GLU A 308 -11.73 15.28 27.27
N ASP A 309 -11.03 16.01 26.41
CA ASP A 309 -11.63 16.59 25.21
C ASP A 309 -11.54 15.68 24.00
N ASN A 310 -11.36 14.37 24.20
CA ASN A 310 -11.39 13.44 23.09
C ASN A 310 -12.71 13.54 22.35
N LYS A 311 -12.65 13.40 21.03
CA LYS A 311 -13.84 13.54 20.18
C LYS A 311 -14.00 12.40 19.19
N PHE A 312 -13.30 11.28 19.40
CA PHE A 312 -13.56 10.06 18.63
C PHE A 312 -14.35 9.10 19.51
N PHE A 313 -15.50 8.66 19.01
CA PHE A 313 -16.36 7.73 19.73
C PHE A 313 -16.62 6.51 18.87
N PRO A 314 -16.13 5.31 19.25
CA PRO A 314 -16.37 4.12 18.42
C PRO A 314 -17.85 3.84 18.19
N ILE A 315 -18.13 2.81 17.41
CA ILE A 315 -19.51 2.43 17.12
C ILE A 315 -20.04 1.62 18.30
N GLN A 316 -21.23 1.98 18.78
CA GLN A 316 -21.87 1.23 19.85
C GLN A 316 -22.31 -0.13 19.33
N SER A 317 -21.79 -1.20 19.95
CA SER A 317 -22.10 -2.56 19.56
C SER A 317 -22.51 -3.36 20.78
N LYS A 318 -23.61 -4.10 20.67
CA LYS A 318 -24.13 -4.88 21.79
C LYS A 318 -23.31 -6.13 22.08
N ASP A 319 -22.38 -6.49 21.20
CA ASP A 319 -21.60 -7.72 21.35
C ASP A 319 -20.25 -7.49 22.00
N VAL A 320 -19.88 -6.25 22.30
CA VAL A 320 -18.61 -5.94 22.94
C VAL A 320 -18.79 -4.70 23.80
N SER A 321 -17.97 -4.60 24.85
CA SER A 321 -18.01 -3.44 25.73
C SER A 321 -17.35 -2.24 25.06
N ASP A 322 -17.85 -1.05 25.38
CA ASP A 322 -17.32 0.18 24.78
C ASP A 322 -15.84 0.36 25.09
N GLU A 323 -15.39 -0.11 26.27
CA GLU A 323 -13.97 -0.03 26.58
C GLU A 323 -13.15 -0.89 25.63
N TYR A 324 -13.66 -2.07 25.30
CA TYR A 324 -12.96 -2.92 24.32
C TYR A 324 -12.90 -2.24 22.96
N GLN A 325 -13.91 -1.46 22.62
CA GLN A 325 -13.88 -0.71 21.36
C GLN A 325 -12.74 0.30 21.36
N TYR A 326 -12.59 1.06 22.44
CA TYR A 326 -11.48 2.00 22.54
C TYR A 326 -10.14 1.26 22.51
N PHE A 327 -10.06 0.11 23.16
CA PHE A 327 -8.83 -0.68 23.13
C PHE A 327 -8.45 -1.03 21.71
N LEU A 328 -9.40 -1.56 20.92
CA LEU A 328 -9.12 -1.88 19.53
C LEU A 328 -8.73 -0.64 18.75
N SER A 329 -9.48 0.45 18.92
CA SER A 329 -9.16 1.68 18.23
C SER A 329 -7.77 2.20 18.61
N SER A 330 -7.37 1.99 19.87
CA SER A 330 -6.09 2.51 20.32
C SER A 330 -4.91 1.75 19.73
N LEU A 331 -5.13 0.50 19.33
CA LEU A 331 -4.05 -0.32 18.81
C LEU A 331 -3.62 0.18 17.44
N VAL A 332 -2.37 0.66 17.35
CA VAL A 332 -1.86 1.27 16.13
C VAL A 332 -1.84 0.24 14.99
N SER A 333 -1.55 -1.02 15.30
CA SER A 333 -1.44 -2.05 14.28
C SER A 333 -2.78 -2.68 13.92
N ASN A 334 -3.82 -2.48 14.72
CA ASN A 334 -5.13 -3.09 14.45
C ASN A 334 -5.87 -2.22 13.44
N VAL A 335 -5.55 -2.45 12.16
CA VAL A 335 -6.13 -1.70 11.07
C VAL A 335 -7.43 -2.37 10.64
N ARG A 336 -8.51 -1.60 10.60
CA ARG A 336 -9.82 -2.14 10.24
C ARG A 336 -9.79 -2.67 8.82
N PHE A 337 -10.09 -3.95 8.66
CA PHE A 337 -10.15 -4.56 7.33
C PHE A 337 -11.13 -3.81 6.45
N SER A 338 -10.88 -3.87 5.14
CA SER A 338 -11.74 -3.22 4.16
C SER A 338 -11.41 -3.76 2.77
N ASP A 339 -12.43 -3.85 1.93
CA ASP A 339 -12.27 -4.30 0.56
C ASP A 339 -11.95 -3.16 -0.40
N THR A 340 -11.63 -1.98 0.13
CA THR A 340 -11.22 -0.83 -0.68
C THR A 340 -10.13 -0.04 0.03
N LEU A 341 -9.25 -0.73 0.76
CA LEU A 341 -8.26 -0.06 1.59
C LEU A 341 -7.22 0.64 0.73
N ARG A 342 -6.96 1.91 1.05
CA ARG A 342 -5.91 2.68 0.42
C ARG A 342 -4.70 2.70 1.36
N ILE A 343 -3.58 2.14 0.90
CA ILE A 343 -2.36 2.09 1.68
C ILE A 343 -1.50 3.30 1.30
N LEU A 344 -1.23 4.17 2.27
CA LEU A 344 -0.45 5.38 2.04
C LEU A 344 1.03 5.08 2.22
N THR A 345 1.84 5.64 1.32
CA THR A 345 3.29 5.49 1.36
C THR A 345 3.95 6.86 1.38
N CYS A 346 5.20 6.89 1.82
CA CYS A 346 5.98 8.13 1.79
C CYS A 346 7.45 7.78 1.90
N GLU A 347 8.20 8.03 0.84
CA GLU A 347 9.64 7.79 0.85
C GLU A 347 10.38 9.03 1.33
N PRO A 348 11.53 8.87 2.00
CA PRO A 348 12.28 10.02 2.49
C PRO A 348 13.11 10.68 1.39
N GLU B 37 34.86 -3.60 -20.95
CA GLU B 37 33.55 -3.35 -21.54
C GLU B 37 32.74 -2.41 -20.66
N PRO B 38 31.64 -1.88 -21.20
CA PRO B 38 30.80 -0.96 -20.42
C PRO B 38 29.80 -1.73 -19.57
N PRO B 39 29.23 -1.10 -18.54
CA PRO B 39 28.24 -1.80 -17.72
C PRO B 39 27.02 -2.19 -18.52
N SER B 40 26.50 -3.39 -18.26
CA SER B 40 25.34 -3.91 -18.97
C SER B 40 24.85 -5.15 -18.27
N ILE B 41 23.56 -5.45 -18.46
CA ILE B 41 22.93 -6.64 -17.92
C ILE B 41 22.01 -7.22 -19.00
N TRP B 42 22.26 -8.46 -19.39
CA TRP B 42 21.49 -9.09 -20.47
C TRP B 42 21.75 -10.60 -20.39
N ARG B 43 20.80 -11.33 -19.82
CA ARG B 43 20.91 -12.77 -19.72
C ARG B 43 19.55 -13.41 -19.98
N LEU B 44 19.52 -14.40 -20.86
CA LEU B 44 18.29 -15.10 -21.20
C LEU B 44 18.09 -16.32 -20.30
N PHE B 45 16.86 -16.82 -20.29
CA PHE B 45 16.51 -17.99 -19.50
C PHE B 45 15.45 -18.79 -20.23
N HIS B 46 15.48 -20.11 -20.03
CA HIS B 46 14.46 -20.99 -20.57
C HIS B 46 13.26 -21.13 -19.64
N ARG B 47 13.49 -21.02 -18.33
CA ARG B 47 12.44 -21.22 -17.33
C ARG B 47 12.12 -19.88 -16.67
N GLN B 48 10.83 -19.53 -16.67
CA GLN B 48 10.41 -18.25 -16.10
C GLN B 48 10.85 -18.12 -14.64
N ALA B 49 10.78 -19.22 -13.89
CA ALA B 49 11.20 -19.18 -12.49
C ALA B 49 12.66 -18.76 -12.36
N GLN B 50 13.52 -19.31 -13.22
CA GLN B 50 14.94 -18.95 -13.18
C GLN B 50 15.14 -17.46 -13.37
N ALA B 51 14.34 -16.85 -14.24
CA ALA B 51 14.47 -15.42 -14.51
C ALA B 51 14.30 -14.61 -13.22
N PHE B 52 13.15 -14.77 -12.55
CA PHE B 52 12.87 -13.98 -11.36
C PHE B 52 13.93 -14.20 -10.28
N ASN B 53 14.55 -15.39 -10.25
CA ASN B 53 15.62 -15.62 -9.29
C ASN B 53 16.82 -14.74 -9.59
N PHE B 54 17.20 -14.63 -10.87
CA PHE B 54 18.29 -13.74 -11.26
C PHE B 54 17.92 -12.29 -10.97
N VAL B 55 16.67 -11.91 -11.24
CA VAL B 55 16.22 -10.55 -10.95
C VAL B 55 16.46 -10.21 -9.48
N LYS B 56 16.08 -11.12 -8.59
CA LYS B 56 16.36 -10.93 -7.17
C LYS B 56 17.83 -11.15 -6.83
N SER B 57 18.55 -11.93 -7.64
CA SER B 57 19.97 -12.15 -7.40
C SER B 57 20.82 -10.99 -7.91
N CYS B 58 20.43 -10.39 -9.04
CA CYS B 58 21.18 -9.26 -9.57
C CYS B 58 20.91 -7.99 -8.79
N LYS B 59 19.67 -7.81 -8.32
CA LYS B 59 19.29 -6.73 -7.42
C LYS B 59 19.38 -5.35 -8.08
N GLU B 60 19.41 -5.28 -9.40
CA GLU B 60 19.44 -4.00 -10.11
C GLU B 60 18.16 -3.81 -10.90
N ASP B 61 17.95 -2.57 -11.34
CA ASP B 61 16.68 -2.18 -11.95
C ASP B 61 16.43 -2.92 -13.26
N VAL B 62 16.26 -4.24 -13.18
CA VAL B 62 15.99 -5.06 -14.35
C VAL B 62 14.54 -5.52 -14.30
N HIS B 63 14.08 -6.09 -15.41
CA HIS B 63 12.70 -6.53 -15.54
C HIS B 63 12.65 -7.73 -16.47
N VAL B 64 11.61 -8.54 -16.33
CA VAL B 64 11.48 -9.80 -17.04
C VAL B 64 10.66 -9.59 -18.31
N PHE B 65 11.16 -10.10 -19.43
CA PHE B 65 10.46 -10.07 -20.70
C PHE B 65 10.36 -11.49 -21.24
N ALA B 66 9.29 -11.77 -21.98
CA ALA B 66 9.06 -13.07 -22.58
C ALA B 66 9.20 -12.98 -24.09
N LEU B 67 9.94 -13.92 -24.67
CA LEU B 67 10.18 -13.97 -26.11
C LEU B 67 9.60 -15.26 -26.66
N GLU B 68 8.82 -15.14 -27.73
CA GLU B 68 8.17 -16.31 -28.32
C GLU B 68 9.12 -17.05 -29.25
N CYS B 69 8.83 -18.34 -29.44
CA CYS B 69 9.62 -19.22 -30.29
C CYS B 69 8.84 -19.60 -31.54
N LYS B 70 9.59 -20.00 -32.58
CA LYS B 70 9.01 -20.22 -33.89
C LYS B 70 7.79 -21.13 -33.83
N VAL B 71 7.91 -22.25 -33.12
CA VAL B 71 6.83 -23.22 -33.07
C VAL B 71 5.52 -22.53 -32.69
N GLY B 72 4.44 -22.91 -33.38
CA GLY B 72 3.13 -22.35 -33.08
C GLY B 72 2.79 -22.43 -31.60
N ASP B 73 3.22 -23.50 -30.94
CA ASP B 73 3.08 -23.60 -29.49
C ASP B 73 3.64 -22.37 -28.83
N GLY B 74 3.06 -21.99 -27.69
CA GLY B 74 3.44 -20.77 -27.02
C GLY B 74 4.77 -20.84 -26.27
N GLN B 75 5.71 -21.64 -26.78
CA GLN B 75 7.03 -21.71 -26.17
C GLN B 75 7.61 -20.31 -26.02
N ARG B 76 8.17 -20.03 -24.85
CA ARG B 76 8.62 -18.69 -24.50
C ARG B 76 10.02 -18.72 -23.92
N ILE B 77 10.86 -17.79 -24.38
CA ILE B 77 12.16 -17.53 -23.78
C ILE B 77 12.00 -16.30 -22.90
N TYR B 78 12.84 -16.19 -21.87
CA TYR B 78 12.69 -15.15 -20.86
C TYR B 78 13.98 -14.35 -20.74
N LEU B 79 13.85 -13.02 -20.84
CA LEU B 79 14.97 -12.09 -20.84
C LEU B 79 14.92 -11.20 -19.61
N VAL B 80 16.09 -10.88 -19.08
CA VAL B 80 16.22 -9.97 -17.94
C VAL B 80 17.21 -8.87 -18.34
N THR B 81 16.77 -7.62 -18.24
CA THR B 81 17.59 -6.48 -18.60
C THR B 81 16.86 -5.22 -18.16
N THR B 82 17.38 -4.07 -18.54
CA THR B 82 16.78 -2.78 -18.19
C THR B 82 15.86 -2.30 -19.30
N TYR B 83 14.92 -1.44 -18.93
CA TYR B 83 14.05 -0.83 -19.93
C TYR B 83 14.85 -0.02 -20.95
N ALA B 84 15.97 0.57 -20.53
CA ALA B 84 16.78 1.36 -21.45
C ALA B 84 17.51 0.45 -22.43
N GLU B 85 18.29 -0.51 -21.92
CA GLU B 85 19.02 -1.41 -22.81
C GLU B 85 18.08 -2.22 -23.68
N PHE B 86 16.97 -2.70 -23.11
CA PHE B 86 15.98 -3.43 -23.91
C PHE B 86 15.49 -2.60 -25.07
N TRP B 87 15.05 -1.36 -24.80
CA TRP B 87 14.54 -0.50 -25.86
C TRP B 87 15.62 -0.15 -26.87
N PHE B 88 16.89 -0.19 -26.46
CA PHE B 88 17.97 0.15 -27.39
C PHE B 88 18.05 -0.88 -28.51
N TYR B 89 17.98 -2.17 -28.17
CA TYR B 89 17.98 -3.24 -29.16
C TYR B 89 16.59 -3.55 -29.71
N TYR B 90 15.55 -2.99 -29.10
CA TYR B 90 14.17 -3.27 -29.49
C TYR B 90 13.57 -2.20 -30.39
N LYS B 91 14.02 -0.95 -30.26
CA LYS B 91 13.38 0.14 -31.00
C LYS B 91 13.50 -0.04 -32.50
N SER B 92 14.50 -0.77 -32.99
CA SER B 92 14.65 -0.98 -34.41
C SER B 92 13.46 -1.74 -35.00
N ARG B 93 12.88 -2.65 -34.22
CA ARG B 93 11.83 -3.58 -34.65
C ARG B 93 12.33 -4.59 -35.68
N LYS B 94 13.63 -4.61 -35.96
CA LYS B 94 14.21 -5.68 -36.75
C LYS B 94 14.63 -6.87 -35.89
N ASN B 95 14.94 -6.62 -34.63
CA ASN B 95 15.25 -7.66 -33.66
C ASN B 95 14.17 -7.71 -32.58
N LEU B 96 14.22 -8.77 -31.79
CA LEU B 96 13.28 -8.96 -30.68
C LEU B 96 11.84 -8.73 -31.13
N LEU B 97 11.37 -9.69 -31.92
CA LEU B 97 9.97 -9.73 -32.36
C LEU B 97 9.19 -10.64 -31.44
N HIS B 98 7.92 -10.27 -31.21
CA HIS B 98 7.00 -11.08 -30.41
C HIS B 98 7.47 -11.16 -28.95
N CYS B 99 7.42 -10.01 -28.31
CA CYS B 99 7.81 -9.85 -26.91
C CYS B 99 6.58 -9.62 -26.05
N TYR B 100 6.73 -9.92 -24.76
CA TYR B 100 5.67 -9.72 -23.78
C TYR B 100 6.27 -9.25 -22.46
N GLU B 101 5.56 -8.34 -21.80
CA GLU B 101 5.89 -7.98 -20.42
C GLU B 101 5.39 -9.05 -19.46
N VAL B 102 6.21 -9.40 -18.49
CA VAL B 102 5.85 -10.38 -17.47
C VAL B 102 5.46 -9.57 -16.22
N ILE B 103 4.17 -9.30 -16.08
CA ILE B 103 3.65 -8.58 -14.92
C ILE B 103 3.88 -9.45 -13.69
N PRO B 104 4.86 -9.13 -12.84
CA PRO B 104 5.17 -10.02 -11.72
C PRO B 104 4.04 -10.05 -10.69
N GLU B 105 3.87 -11.21 -10.07
CA GLU B 105 2.89 -11.36 -9.00
C GLU B 105 3.31 -10.58 -7.76
N ASN B 106 2.31 -10.03 -7.06
CA ASN B 106 2.49 -9.27 -5.83
C ASN B 106 3.14 -7.92 -6.06
N ALA B 107 3.48 -7.57 -7.29
CA ALA B 107 4.14 -6.31 -7.60
C ALA B 107 3.12 -5.24 -7.94
N VAL B 108 3.31 -4.04 -7.38
CA VAL B 108 2.41 -2.93 -7.67
C VAL B 108 2.40 -2.70 -9.18
N CYS B 109 1.22 -2.35 -9.70
CA CYS B 109 1.03 -2.20 -11.14
C CYS B 109 -0.04 -1.17 -11.40
N LYS B 110 -0.25 -0.88 -12.68
CA LYS B 110 -1.25 0.08 -13.11
C LYS B 110 -2.58 -0.62 -13.40
N LEU B 111 -3.60 0.19 -13.65
CA LEU B 111 -4.90 -0.31 -14.11
C LEU B 111 -4.85 -0.44 -15.63
N TYR B 112 -5.14 -1.65 -16.12
CA TYR B 112 -5.04 -1.94 -17.54
C TYR B 112 -6.20 -2.83 -17.97
N PHE B 113 -6.34 -2.99 -19.28
CA PHE B 113 -7.45 -3.74 -19.85
C PHE B 113 -7.00 -4.47 -21.11
N ASP B 114 -7.66 -5.60 -21.39
CA ASP B 114 -7.55 -6.30 -22.66
C ASP B 114 -8.95 -6.40 -23.25
N LEU B 115 -9.19 -5.65 -24.32
CA LEU B 115 -10.51 -5.60 -24.95
C LEU B 115 -10.46 -6.29 -26.30
N GLU B 116 -11.48 -7.09 -26.60
CA GLU B 116 -11.50 -7.84 -27.85
C GLU B 116 -12.90 -8.40 -28.09
N PHE B 117 -13.18 -8.67 -29.37
CA PHE B 117 -14.40 -9.34 -29.80
C PHE B 117 -14.31 -9.57 -31.30
N ASN B 118 -15.17 -10.46 -31.80
CA ASN B 118 -15.21 -10.74 -33.23
C ASN B 118 -16.10 -9.74 -33.94
N LYS B 119 -15.53 -9.08 -34.96
CA LYS B 119 -16.30 -8.07 -35.69
C LYS B 119 -17.44 -8.68 -36.48
N PRO B 120 -17.26 -9.78 -37.22
CA PRO B 120 -18.40 -10.41 -37.91
C PRO B 120 -19.59 -10.65 -36.99
N ALA B 121 -19.36 -11.34 -35.88
CA ALA B 121 -20.44 -11.63 -34.96
C ALA B 121 -21.05 -10.37 -34.33
N ASN B 122 -20.32 -9.25 -34.37
CA ASN B 122 -20.80 -8.00 -33.80
C ASN B 122 -20.70 -6.91 -34.87
N PRO B 123 -21.57 -6.95 -35.88
CA PRO B 123 -21.46 -5.99 -36.99
C PRO B 123 -21.75 -4.56 -36.57
N GLY B 124 -22.93 -4.32 -36.00
CA GLY B 124 -23.31 -2.98 -35.60
C GLY B 124 -22.54 -2.41 -34.44
N ALA B 125 -21.59 -3.15 -33.88
CA ALA B 125 -20.83 -2.67 -32.74
C ALA B 125 -19.96 -1.48 -33.14
N ASP B 126 -19.82 -0.53 -32.22
CA ASP B 126 -18.96 0.64 -32.41
C ASP B 126 -17.79 0.48 -31.45
N GLY B 127 -16.76 -0.24 -31.91
CA GLY B 127 -15.62 -0.54 -31.04
C GLY B 127 -14.98 0.71 -30.47
N LYS B 128 -14.80 1.74 -31.30
CA LYS B 128 -14.13 2.95 -30.84
C LYS B 128 -14.96 3.68 -29.79
N LYS B 129 -16.28 3.50 -29.80
CA LYS B 129 -17.16 4.20 -28.88
C LYS B 129 -17.38 3.44 -27.58
N MET B 130 -17.23 2.11 -27.60
CA MET B 130 -17.41 1.33 -26.37
C MET B 130 -16.26 1.54 -25.39
N VAL B 131 -15.09 1.95 -25.86
CA VAL B 131 -13.98 2.22 -24.97
C VAL B 131 -14.16 3.57 -24.28
N ALA B 132 -14.67 4.57 -25.00
CA ALA B 132 -14.88 5.88 -24.41
C ALA B 132 -15.90 5.81 -23.27
N LEU B 133 -16.91 4.95 -23.41
CA LEU B 133 -17.87 4.77 -22.33
C LEU B 133 -17.26 3.98 -21.18
N LEU B 134 -16.60 2.86 -21.50
CA LEU B 134 -15.93 2.07 -20.46
C LEU B 134 -14.98 2.94 -19.65
N ILE B 135 -14.16 3.76 -20.33
CA ILE B 135 -13.22 4.62 -19.64
C ILE B 135 -13.96 5.58 -18.71
N GLU B 136 -14.97 6.26 -19.23
CA GLU B 136 -15.70 7.22 -18.42
C GLU B 136 -16.42 6.56 -17.24
N TYR B 137 -16.71 5.26 -17.34
CA TYR B 137 -17.29 4.54 -16.22
C TYR B 137 -16.22 4.12 -15.23
N VAL B 138 -15.07 3.64 -15.73
CA VAL B 138 -13.96 3.30 -14.86
C VAL B 138 -13.48 4.54 -14.11
N CYS B 139 -13.38 5.67 -14.82
CA CYS B 139 -12.93 6.90 -14.16
C CYS B 139 -13.89 7.30 -13.04
N LYS B 140 -15.18 7.07 -13.23
CA LYS B 140 -16.16 7.36 -12.19
C LYS B 140 -15.99 6.40 -11.01
N ALA B 141 -15.85 5.09 -11.31
CA ALA B 141 -15.67 4.11 -10.25
C ALA B 141 -14.47 4.46 -9.39
N LEU B 142 -13.35 4.87 -10.01
CA LEU B 142 -12.17 5.25 -9.24
C LEU B 142 -12.46 6.45 -8.33
N GLN B 143 -13.20 7.43 -8.84
CA GLN B 143 -13.52 8.61 -8.05
C GLN B 143 -14.43 8.26 -6.88
N GLU B 144 -15.27 7.23 -7.02
CA GLU B 144 -16.22 6.87 -5.99
C GLU B 144 -15.64 5.91 -4.96
N LEU B 145 -14.89 4.90 -5.41
CA LEU B 145 -14.35 3.91 -4.47
C LEU B 145 -13.09 4.40 -3.79
N TYR B 146 -12.15 4.98 -4.55
CA TYR B 146 -10.86 5.37 -4.02
C TYR B 146 -10.61 6.87 -4.05
N GLY B 147 -11.57 7.66 -4.53
CA GLY B 147 -11.35 9.10 -4.61
C GLY B 147 -10.19 9.49 -5.50
N VAL B 148 -10.04 8.82 -6.64
CA VAL B 148 -8.98 9.09 -7.60
C VAL B 148 -9.60 9.84 -8.77
N ASN B 149 -9.20 11.10 -8.94
CA ASN B 149 -9.73 11.93 -10.01
C ASN B 149 -8.86 11.76 -11.25
N CYS B 150 -9.42 11.16 -12.30
CA CYS B 150 -8.70 10.95 -13.55
C CYS B 150 -9.69 10.94 -14.69
N SER B 151 -9.18 11.20 -15.90
CA SER B 151 -10.00 11.27 -17.09
C SER B 151 -9.41 10.44 -18.22
N ALA B 152 -9.93 10.60 -19.44
CA ALA B 152 -9.37 9.89 -20.58
C ALA B 152 -8.03 10.46 -21.02
N GLU B 153 -7.71 11.70 -20.63
CA GLU B 153 -6.39 12.25 -20.91
C GLU B 153 -5.28 11.49 -20.21
N ASP B 154 -5.61 10.58 -19.29
CA ASP B 154 -4.63 9.78 -18.56
C ASP B 154 -4.67 8.31 -18.95
N VAL B 155 -5.16 8.00 -20.15
CA VAL B 155 -5.33 6.61 -20.60
C VAL B 155 -4.57 6.43 -21.91
N LEU B 156 -3.57 5.55 -21.90
CA LEU B 156 -2.85 5.20 -23.11
C LEU B 156 -3.65 4.16 -23.88
N ASN B 157 -4.02 4.49 -25.12
CA ASN B 157 -4.86 3.64 -25.95
C ASN B 157 -4.00 3.03 -27.05
N LEU B 158 -3.90 1.70 -27.05
CA LEU B 158 -3.11 0.97 -28.04
C LEU B 158 -4.02 0.07 -28.86
N ASP B 159 -3.79 0.04 -30.17
CA ASP B 159 -4.60 -0.72 -31.11
C ASP B 159 -3.82 -1.90 -31.65
N SER B 160 -4.54 -2.98 -31.96
CA SER B 160 -3.96 -4.17 -32.58
C SER B 160 -5.05 -4.92 -33.34
N SER B 161 -6.01 -4.18 -33.90
CA SER B 161 -7.18 -4.79 -34.52
C SER B 161 -6.83 -5.39 -35.88
N THR B 162 -7.77 -6.13 -36.43
CA THR B 162 -7.66 -6.69 -37.77
C THR B 162 -9.02 -6.52 -38.45
N ASP B 163 -9.23 -7.26 -39.53
CA ASP B 163 -10.57 -7.33 -40.11
C ASP B 163 -11.46 -8.29 -39.34
N GLU B 164 -10.89 -9.36 -38.80
CA GLU B 164 -11.67 -10.35 -38.05
C GLU B 164 -11.86 -9.93 -36.60
N LYS B 165 -10.78 -9.58 -35.91
CA LYS B 165 -10.79 -9.37 -34.47
C LYS B 165 -10.53 -7.91 -34.14
N PHE B 166 -11.46 -7.30 -33.41
CA PHE B 166 -11.20 -6.04 -32.75
C PHE B 166 -10.35 -6.30 -31.50
N SER B 167 -9.37 -5.44 -31.26
CA SER B 167 -8.41 -5.69 -30.18
C SER B 167 -7.78 -4.38 -29.76
N ARG B 168 -7.70 -4.16 -28.44
CA ARG B 168 -7.07 -2.97 -27.89
C ARG B 168 -6.57 -3.27 -26.49
N HIS B 169 -5.50 -2.58 -26.11
CA HIS B 169 -4.95 -2.62 -24.77
C HIS B 169 -4.98 -1.21 -24.19
N LEU B 170 -5.52 -1.08 -22.98
CA LEU B 170 -5.55 0.19 -22.27
C LEU B 170 -4.63 0.10 -21.05
N ILE B 171 -3.92 1.19 -20.79
CA ILE B 171 -3.05 1.31 -19.62
C ILE B 171 -3.29 2.67 -19.00
N PHE B 172 -3.73 2.68 -17.75
CA PHE B 172 -4.03 3.94 -17.07
C PHE B 172 -2.75 4.52 -16.46
N GLN B 173 -2.63 5.85 -16.55
CA GLN B 173 -1.47 6.57 -16.04
C GLN B 173 -1.92 7.45 -14.88
N LEU B 174 -2.21 6.81 -13.76
CA LEU B 174 -2.72 7.51 -12.59
C LEU B 174 -1.57 8.16 -11.83
N HIS B 175 -1.71 9.45 -11.53
CA HIS B 175 -0.64 10.22 -10.90
C HIS B 175 -0.60 9.88 -9.41
N ASP B 176 0.49 9.24 -8.99
CA ASP B 176 0.70 8.89 -7.58
C ASP B 176 -0.30 7.86 -7.09
N VAL B 177 -0.76 6.98 -7.97
CA VAL B 177 -1.74 5.94 -7.62
C VAL B 177 -1.37 4.66 -8.34
N ALA B 178 -1.65 3.53 -7.70
CA ALA B 178 -1.39 2.22 -8.28
C ALA B 178 -2.09 1.16 -7.44
N PHE B 179 -2.30 0.00 -8.04
CA PHE B 179 -2.90 -1.13 -7.36
C PHE B 179 -1.83 -2.03 -6.77
N LYS B 180 -2.20 -2.72 -5.68
CA LYS B 180 -1.23 -3.59 -5.01
C LYS B 180 -0.64 -4.62 -5.95
N ASP B 181 -1.48 -5.17 -6.84
CA ASP B 181 -1.02 -6.10 -7.86
C ASP B 181 -2.15 -6.29 -8.86
N ASN B 182 -1.86 -7.01 -9.95
CA ASN B 182 -2.85 -7.18 -11.00
C ASN B 182 -4.04 -8.00 -10.54
N ILE B 183 -3.84 -8.89 -9.57
CA ILE B 183 -4.98 -9.63 -9.01
C ILE B 183 -5.98 -8.66 -8.41
N HIS B 184 -5.50 -7.71 -7.61
CA HIS B 184 -6.39 -6.70 -7.06
C HIS B 184 -6.99 -5.82 -8.16
N VAL B 185 -6.27 -5.65 -9.27
CA VAL B 185 -6.84 -4.96 -10.43
C VAL B 185 -8.03 -5.75 -10.96
N GLY B 186 -7.92 -7.08 -10.98
CA GLY B 186 -9.03 -7.90 -11.43
C GLY B 186 -10.22 -7.81 -10.48
N ASN B 187 -9.95 -7.94 -9.17
CA ASN B 187 -11.03 -7.83 -8.19
C ASN B 187 -11.75 -6.49 -8.32
N PHE B 188 -11.01 -5.43 -8.63
CA PHE B 188 -11.62 -4.12 -8.82
C PHE B 188 -12.57 -4.12 -10.02
N LEU B 189 -12.19 -4.81 -11.10
CA LEU B 189 -13.01 -4.79 -12.30
C LEU B 189 -14.15 -5.79 -12.21
N ARG B 190 -13.90 -6.99 -11.69
CA ARG B 190 -14.98 -7.94 -11.46
C ARG B 190 -16.04 -7.34 -10.54
N LYS B 191 -15.66 -6.38 -9.69
CA LYS B 191 -16.60 -5.75 -8.77
C LYS B 191 -17.51 -4.77 -9.50
N ILE B 192 -16.92 -3.76 -10.15
CA ILE B 192 -17.71 -2.73 -10.81
C ILE B 192 -18.29 -3.17 -12.14
N LEU B 193 -17.88 -4.34 -12.64
CA LEU B 193 -18.45 -4.91 -13.87
C LEU B 193 -19.41 -6.05 -13.58
N GLN B 194 -19.84 -6.20 -12.32
CA GLN B 194 -20.77 -7.25 -11.95
C GLN B 194 -22.14 -7.02 -12.61
N PRO B 195 -22.65 -5.79 -12.65
CA PRO B 195 -23.94 -5.57 -13.33
C PRO B 195 -23.95 -6.09 -14.75
N ALA B 196 -22.84 -5.99 -15.48
CA ALA B 196 -22.75 -6.55 -16.82
C ALA B 196 -22.61 -8.06 -16.77
N LEU B 197 -21.85 -8.58 -15.80
CA LEU B 197 -21.70 -10.03 -15.66
C LEU B 197 -23.05 -10.70 -15.40
N ASP B 198 -23.97 -10.00 -14.75
CA ASP B 198 -25.30 -10.57 -14.50
C ASP B 198 -26.05 -10.79 -15.81
N LEU B 199 -25.75 -10.00 -16.84
CA LEU B 199 -26.38 -10.14 -18.14
C LEU B 199 -25.57 -11.15 -18.95
N LEU B 200 -26.02 -12.41 -18.94
CA LEU B 200 -25.33 -13.48 -19.65
C LEU B 200 -26.32 -14.31 -20.44
N PRO B 261 -25.51 -0.88 -14.22
CA PRO B 261 -26.37 0.18 -14.75
C PRO B 261 -25.92 0.68 -16.11
N ASP B 262 -26.76 0.45 -17.13
CA ASP B 262 -26.46 0.90 -18.48
C ASP B 262 -25.14 0.32 -18.98
N LEU B 263 -24.72 -0.81 -18.41
CA LEU B 263 -23.57 -1.56 -18.95
C LEU B 263 -23.93 -2.41 -20.16
N SER B 264 -24.94 -1.99 -20.94
CA SER B 264 -25.31 -2.67 -22.17
C SER B 264 -24.11 -2.95 -23.06
N PHE B 265 -23.29 -1.92 -23.30
CA PHE B 265 -22.27 -1.95 -24.35
C PHE B 265 -21.18 -2.99 -24.11
N LEU B 266 -21.13 -3.61 -22.94
CA LEU B 266 -20.00 -4.47 -22.60
C LEU B 266 -20.15 -5.90 -23.11
N VAL B 267 -21.32 -6.28 -23.61
CA VAL B 267 -21.60 -7.67 -24.02
C VAL B 267 -21.41 -7.78 -25.52
N VAL B 268 -20.74 -8.86 -25.94
CA VAL B 268 -20.45 -9.12 -27.34
C VAL B 268 -20.84 -10.56 -27.67
N LYS B 269 -20.99 -10.83 -28.96
CA LYS B 269 -21.38 -12.13 -29.46
C LYS B 269 -20.15 -12.93 -29.89
N ASN B 270 -20.18 -14.23 -29.61
CA ASN B 270 -19.11 -15.14 -29.96
C ASN B 270 -19.51 -15.98 -31.17
N ASN B 271 -18.51 -16.52 -31.86
CA ASN B 271 -18.78 -17.42 -32.98
C ASN B 271 -19.62 -18.61 -32.53
N MET B 272 -19.41 -19.09 -31.30
CA MET B 272 -20.20 -20.19 -30.76
C MET B 272 -21.65 -19.78 -30.47
N GLY B 273 -21.95 -18.48 -30.48
CA GLY B 273 -23.26 -17.99 -30.13
C GLY B 273 -23.39 -17.50 -28.71
N GLU B 274 -22.40 -17.77 -27.85
CA GLU B 274 -22.46 -17.35 -26.46
C GLU B 274 -22.26 -15.85 -26.35
N LYS B 275 -22.85 -15.27 -25.30
CA LYS B 275 -22.73 -13.84 -25.01
C LYS B 275 -21.60 -13.66 -23.99
N HIS B 276 -20.48 -13.10 -24.44
CA HIS B 276 -19.31 -12.89 -23.62
C HIS B 276 -19.15 -11.41 -23.30
N LEU B 277 -18.10 -11.10 -22.54
CA LEU B 277 -17.85 -9.75 -22.07
C LEU B 277 -16.79 -9.08 -22.94
N PHE B 278 -17.05 -7.81 -23.30
CA PHE B 278 -16.10 -7.05 -24.10
C PHE B 278 -14.78 -6.87 -23.38
N VAL B 279 -14.79 -6.87 -22.05
CA VAL B 279 -13.59 -6.70 -21.24
C VAL B 279 -13.10 -8.09 -20.87
N ASP B 280 -11.96 -8.50 -21.43
CA ASP B 280 -11.35 -9.76 -21.06
C ASP B 280 -10.86 -9.70 -19.62
N LEU B 281 -11.37 -10.61 -18.78
CA LEU B 281 -11.02 -10.65 -17.37
C LEU B 281 -10.11 -11.83 -17.05
N GLY B 282 -9.44 -12.39 -18.05
CA GLY B 282 -8.47 -13.45 -17.86
C GLY B 282 -7.03 -13.00 -17.87
N VAL B 283 -6.77 -11.70 -17.94
CA VAL B 283 -5.41 -11.18 -18.00
C VAL B 283 -5.01 -10.62 -16.64
N TYR B 284 -5.52 -11.24 -15.56
CA TYR B 284 -5.23 -10.80 -14.20
C TYR B 284 -4.84 -12.03 -13.36
N THR B 285 -3.78 -12.69 -13.79
CA THR B 285 -3.25 -13.87 -13.12
C THR B 285 -1.81 -13.63 -12.70
N ARG B 286 -1.29 -14.54 -11.90
CA ARG B 286 0.09 -14.45 -11.45
C ARG B 286 1.04 -14.58 -12.65
N ASN B 287 1.98 -13.65 -12.75
CA ASN B 287 3.00 -13.68 -13.81
C ASN B 287 2.35 -13.63 -15.19
N ARG B 288 1.29 -12.82 -15.31
CA ARG B 288 0.58 -12.69 -16.57
C ARG B 288 1.45 -12.00 -17.62
N ASN B 289 1.50 -12.57 -18.82
CA ASN B 289 2.21 -11.98 -19.93
C ASN B 289 1.29 -11.02 -20.68
N PHE B 290 1.83 -9.88 -21.08
CA PHE B 290 1.07 -8.85 -21.78
C PHE B 290 1.89 -8.35 -22.95
N ARG B 291 1.29 -8.34 -24.14
CA ARG B 291 2.02 -8.07 -25.36
C ARG B 291 2.55 -6.64 -25.37
N LEU B 292 3.84 -6.50 -25.68
CA LEU B 292 4.51 -5.21 -25.58
C LEU B 292 4.03 -4.25 -26.67
N TYR B 293 4.24 -2.97 -26.39
CA TYR B 293 4.04 -1.94 -27.40
C TYR B 293 4.94 -2.18 -28.60
N LYS B 294 4.38 -2.02 -29.80
CA LYS B 294 5.08 -2.27 -31.06
C LYS B 294 5.48 -3.74 -31.22
N SER B 295 4.82 -4.65 -30.51
CA SER B 295 5.10 -6.08 -30.62
C SER B 295 3.90 -6.80 -31.22
N SER B 296 4.16 -7.94 -31.84
CA SER B 296 3.14 -8.71 -32.54
C SER B 296 3.26 -10.17 -32.18
N LYS B 297 2.10 -10.85 -32.10
CA LYS B 297 2.11 -12.29 -31.90
C LYS B 297 2.84 -12.97 -33.05
N ILE B 298 3.55 -14.06 -32.71
CA ILE B 298 4.41 -14.71 -33.70
C ILE B 298 3.61 -15.17 -34.92
N GLY B 299 2.33 -15.46 -34.73
CA GLY B 299 1.49 -15.85 -35.85
C GLY B 299 1.22 -14.70 -36.79
N LYS B 300 0.38 -13.76 -36.35
CA LYS B 300 0.00 -12.63 -37.18
C LYS B 300 1.18 -11.67 -37.35
N ARG B 301 0.94 -10.60 -38.11
CA ARG B 301 1.92 -9.55 -38.33
C ARG B 301 1.54 -8.22 -37.72
N VAL B 302 0.33 -8.11 -37.17
CA VAL B 302 -0.14 -6.87 -36.58
C VAL B 302 0.48 -6.69 -35.21
N ALA B 303 0.92 -5.47 -34.91
CA ALA B 303 1.56 -5.15 -33.64
C ALA B 303 0.77 -4.08 -32.91
N LEU B 304 0.99 -3.99 -31.60
CA LEU B 304 0.34 -2.97 -30.79
C LEU B 304 0.95 -1.60 -31.09
N GLU B 305 0.11 -0.68 -31.54
CA GLU B 305 0.53 0.68 -31.85
C GLU B 305 -0.47 1.65 -31.23
N VAL B 306 -0.01 2.88 -30.99
CA VAL B 306 -0.87 3.90 -30.41
C VAL B 306 -2.07 4.11 -31.31
N THR B 307 -3.26 4.08 -30.71
CA THR B 307 -4.50 4.26 -31.47
C THR B 307 -4.65 5.71 -31.87
N GLU B 308 -5.48 5.93 -32.91
CA GLU B 308 -5.68 7.28 -33.43
C GLU B 308 -6.34 8.19 -32.39
N ASP B 309 -7.35 7.67 -31.69
CA ASP B 309 -8.11 8.46 -30.73
C ASP B 309 -7.46 8.54 -29.35
N ASN B 310 -6.23 8.07 -29.20
CA ASN B 310 -5.55 8.17 -27.92
C ASN B 310 -5.35 9.64 -27.55
N LYS B 311 -5.50 9.94 -26.25
CA LYS B 311 -5.41 11.31 -25.77
C LYS B 311 -4.48 11.47 -24.57
N PHE B 312 -3.68 10.46 -24.25
CA PHE B 312 -2.62 10.59 -23.25
C PHE B 312 -1.30 10.88 -23.95
N PHE B 313 -0.67 12.00 -23.60
CA PHE B 313 0.57 12.42 -24.22
C PHE B 313 1.66 12.56 -23.15
N PRO B 314 2.64 11.67 -23.10
CA PRO B 314 3.68 11.79 -22.07
C PRO B 314 4.40 13.14 -22.14
N ILE B 315 5.15 13.42 -21.08
CA ILE B 315 5.90 14.67 -21.02
C ILE B 315 7.12 14.55 -21.93
N GLN B 316 7.16 15.36 -22.97
CA GLN B 316 8.30 15.34 -23.88
C GLN B 316 9.56 15.77 -23.15
N SER B 317 10.64 15.01 -23.36
CA SER B 317 11.91 15.27 -22.70
C SER B 317 13.03 15.24 -23.73
N LYS B 318 13.99 16.15 -23.58
CA LYS B 318 15.11 16.22 -24.51
C LYS B 318 16.09 15.07 -24.34
N ASP B 319 16.01 14.33 -23.24
CA ASP B 319 16.96 13.26 -22.95
C ASP B 319 16.48 11.89 -23.39
N VAL B 320 15.23 11.78 -23.86
CA VAL B 320 14.69 10.51 -24.33
C VAL B 320 13.72 10.81 -25.47
N SER B 321 13.54 9.83 -26.35
CA SER B 321 12.63 9.98 -27.47
C SER B 321 11.19 9.80 -27.01
N ASP B 322 10.27 10.44 -27.74
CA ASP B 322 8.86 10.31 -27.42
C ASP B 322 8.42 8.86 -27.45
N GLU B 323 8.94 8.08 -28.40
CA GLU B 323 8.56 6.67 -28.48
C GLU B 323 8.98 5.93 -27.23
N TYR B 324 10.14 6.27 -26.66
CA TYR B 324 10.56 5.64 -25.41
C TYR B 324 9.62 6.02 -24.27
N GLN B 325 9.14 7.27 -24.27
CA GLN B 325 8.16 7.69 -23.28
C GLN B 325 6.91 6.82 -23.33
N TYR B 326 6.37 6.61 -24.55
CA TYR B 326 5.19 5.76 -24.69
C TYR B 326 5.49 4.33 -24.26
N PHE B 327 6.69 3.83 -24.58
CA PHE B 327 7.06 2.49 -24.14
C PHE B 327 7.01 2.38 -22.63
N LEU B 328 7.56 3.38 -21.92
CA LEU B 328 7.53 3.34 -20.46
C LEU B 328 6.10 3.42 -19.93
N SER B 329 5.27 4.27 -20.53
CA SER B 329 3.89 4.42 -20.08
C SER B 329 3.11 3.13 -20.30
N SER B 330 3.36 2.44 -21.43
CA SER B 330 2.60 1.24 -21.73
C SER B 330 2.94 0.10 -20.77
N LEU B 331 4.17 0.07 -20.25
CA LEU B 331 4.57 -1.02 -19.37
C LEU B 331 3.72 -1.03 -18.11
N VAL B 332 3.01 -2.14 -17.89
CA VAL B 332 2.06 -2.23 -16.79
C VAL B 332 2.78 -2.21 -15.45
N SER B 333 3.94 -2.86 -15.37
CA SER B 333 4.68 -2.96 -14.12
C SER B 333 5.56 -1.75 -13.84
N ASN B 334 5.65 -0.79 -14.76
CA ASN B 334 6.54 0.36 -14.60
C ASN B 334 5.78 1.47 -13.87
N VAL B 335 5.68 1.30 -12.55
CA VAL B 335 5.00 2.28 -11.70
C VAL B 335 5.94 3.44 -11.42
N ARG B 336 5.59 4.62 -11.91
CA ARG B 336 6.45 5.79 -11.75
C ARG B 336 6.70 6.06 -10.26
N PHE B 337 7.96 6.28 -9.91
CA PHE B 337 8.31 6.53 -8.51
C PHE B 337 7.66 7.83 -8.04
N SER B 338 7.13 7.77 -6.82
CA SER B 338 6.53 8.95 -6.19
C SER B 338 6.71 8.83 -4.69
N ASP B 339 7.11 9.94 -4.06
CA ASP B 339 7.29 9.99 -2.61
C ASP B 339 5.96 10.13 -1.87
N THR B 340 4.84 10.07 -2.58
CA THR B 340 3.52 10.13 -1.98
C THR B 340 2.57 9.19 -2.70
N LEU B 341 3.05 7.99 -3.00
CA LEU B 341 2.27 7.03 -3.77
C LEU B 341 1.14 6.45 -2.91
N ARG B 342 0.00 6.23 -3.56
CA ARG B 342 -1.15 5.56 -2.94
C ARG B 342 -1.32 4.19 -3.59
N ILE B 343 -1.49 3.16 -2.75
CA ILE B 343 -1.66 1.79 -3.23
C ILE B 343 -3.11 1.39 -2.97
N LEU B 344 -3.82 1.03 -4.04
CA LEU B 344 -5.22 0.65 -3.95
C LEU B 344 -5.33 -0.86 -3.82
N THR B 345 -6.17 -1.31 -2.90
CA THR B 345 -6.44 -2.72 -2.69
C THR B 345 -7.91 -3.00 -2.96
N CYS B 346 -8.22 -4.26 -3.23
CA CYS B 346 -9.60 -4.68 -3.41
C CYS B 346 -9.71 -6.18 -3.19
N GLU B 347 -10.70 -6.58 -2.41
CA GLU B 347 -10.99 -7.98 -2.15
C GLU B 347 -12.31 -8.38 -2.80
N PRO B 348 -12.52 -9.69 -3.04
CA PRO B 348 -13.78 -10.14 -3.63
C PRO B 348 -15.01 -9.74 -2.81
P 8OG C 3 17.40 -9.43 28.56
OP1 8OG C 3 18.82 -9.01 28.23
OP2 8OG C 3 16.88 -9.25 29.97
O5' 8OG C 3 16.41 -8.66 27.56
C5' 8OG C 3 15.07 -9.10 27.40
C4' 8OG C 3 14.41 -8.37 26.24
O4' 8OG C 3 14.00 -7.06 26.61
C3' 8OG C 3 15.35 -8.23 25.05
O3' 8OG C 3 14.85 -9.04 23.98
C2' 8OG C 3 15.32 -6.76 24.66
C1' 8OG C 3 14.23 -6.16 25.52
N9 8OG C 3 14.61 -4.83 26.08
C8 8OG C 3 15.57 -4.56 26.99
N7 8OG C 3 15.71 -3.27 27.33
C5 8OG C 3 14.78 -2.64 26.62
C6 8OG C 3 14.34 -1.23 26.47
O6 8OG C 3 14.89 -0.32 27.12
N1 8OG C 3 13.34 -0.97 25.62
C2 8OG C 3 12.72 -1.92 24.91
N2 8OG C 3 11.72 -1.56 24.07
N3 8OG C 3 13.06 -3.23 24.99
C4 8OG C 3 14.05 -3.65 25.81
O8 8OG C 3 16.30 -5.49 27.49
P 8OG F 3 9.41 -25.38 -22.95
OP1 8OG F 3 8.70 -26.61 -22.43
OP2 8OG F 3 9.47 -25.12 -24.44
O5' 8OG F 3 8.78 -24.09 -22.23
C5' 8OG F 3 9.56 -22.91 -22.10
C4' 8OG F 3 8.79 -21.90 -21.26
O4' 8OG F 3 7.71 -21.34 -22.00
C3' 8OG F 3 8.19 -22.54 -20.01
O3' 8OG F 3 8.56 -21.76 -18.88
C2' 8OG F 3 6.70 -22.50 -20.21
C1' 8OG F 3 6.52 -21.37 -21.22
N9 8OG F 3 5.34 -21.59 -22.08
C8 8OG F 3 5.11 -22.60 -22.93
N7 8OG F 3 3.96 -22.57 -23.61
C5 8OG F 3 3.37 -21.44 -23.18
C6 8OG F 3 2.10 -20.74 -23.47
O6 8OG F 3 1.29 -21.21 -24.30
N1 8OG F 3 1.84 -19.60 -22.83
C2 8OG F 3 2.69 -19.07 -21.93
N2 8OG F 3 2.36 -17.90 -21.32
N3 8OG F 3 3.88 -19.64 -21.61
C4 8OG F 3 4.27 -20.80 -22.19
O8 8OG F 3 5.96 -23.55 -23.07
N1 DCP G . 10.06 2.73 24.81
C2 DCP G . 10.91 1.61 24.81
N3 DCP G . 11.97 1.57 25.66
C4 DCP G . 12.20 2.60 26.51
C5 DCP G . 11.37 3.71 26.50
C6 DCP G . 10.29 3.75 25.64
O2 DCP G . 10.69 0.66 24.04
N4 DCP G . 13.26 2.57 27.35
C1' DCP G . 8.90 2.79 23.91
C2' DCP G . 7.63 2.57 24.72
C3' DCP G . 6.92 3.91 24.72
C4' DCP G . 7.52 4.65 23.53
O4' DCP G . 8.80 4.08 23.29
O3' DCP G . 5.51 3.72 24.60
C5' DCP G . 7.64 6.15 23.78
O5' DCP G . 8.35 6.35 24.99
PA DCP G . 8.01 7.60 25.96
O1A DCP G . 7.29 8.67 25.18
O2A DCP G . 9.26 7.93 26.73
O3A DCP G . 6.97 6.91 26.97
PB DCP G . 5.42 7.31 26.87
O1B DCP G . 4.66 6.07 26.45
O2B DCP G . 5.30 8.57 26.07
O3B DCP G . 5.07 7.64 28.41
PG DCP G . 5.15 9.16 28.93
O1G DCP G . 3.91 9.35 29.76
O2G DCP G . 5.20 9.99 27.67
O3G DCP G . 6.44 9.17 29.71
H5 DCP G . 11.56 4.54 27.17
H6 DCP G . 9.63 4.60 25.63
HN41 DCP G . 13.43 3.35 27.97
HN42 DCP G . 13.87 1.77 27.36
H1' DCP G . 8.97 2.00 23.14
H2'1 DCP G . 7.01 1.80 24.28
H2'2 DCP G . 7.88 2.27 25.74
H3' DCP G . 7.17 4.46 25.64
H4' DCP G . 6.87 4.49 22.65
HO3' DCP G . 5.20 3.18 25.34
H5'1 DCP G . 8.17 6.62 22.95
H5'2 DCP G . 6.64 6.59 23.85
CA CA H . 5.62 10.35 25.16
C1 GOL I . -1.00 4.35 22.77
O1 GOL I . -1.62 4.60 24.01
C2 GOL I . -1.73 3.24 22.03
O2 GOL I . -2.01 3.65 20.71
C3 GOL I . -0.91 1.95 22.01
O3 GOL I . -1.33 1.14 20.93
H11 GOL I . 0.04 4.06 22.93
H12 GOL I . -1.01 5.26 22.17
HO1 GOL I . -1.10 5.27 24.51
H2 GOL I . -2.67 3.04 22.55
HO2 GOL I . -1.17 3.80 20.23
H31 GOL I . -1.05 1.42 22.95
H32 GOL I . 0.14 2.20 21.90
HO3 GOL I . -0.68 0.43 20.80
C1 GOL J . -14.40 6.16 28.27
O1 GOL J . -13.49 5.84 29.29
C2 GOL J . -14.75 7.65 28.31
O2 GOL J . -13.80 8.34 29.10
C3 GOL J . -14.78 8.22 26.90
O3 GOL J . -14.90 9.62 26.96
H11 GOL J . -13.97 5.91 27.30
H12 GOL J . -15.32 5.57 28.39
HO1 GOL J . -13.33 4.88 29.30
H2 GOL J . -15.74 7.76 28.75
HO2 GOL J . -12.92 8.26 28.68
H31 GOL J . -13.86 7.96 26.39
H32 GOL J . -15.61 7.79 26.35
HO3 GOL J . -15.85 9.86 27.02
C1 PEG K . -12.02 -0.38 34.69
O1 PEG K . -11.77 -1.34 35.72
C2 PEG K . -11.16 0.86 34.91
O2 PEG K . -11.58 1.90 34.03
C3 PEG K . -10.81 3.10 34.22
C4 PEG K . -11.41 4.23 33.39
O4 PEG K . -12.64 4.67 33.98
H11 PEG K . -11.81 -0.82 33.71
H12 PEG K . -13.09 -0.09 34.71
HO1 PEG K . -12.33 -2.12 35.58
H21 PEG K . -11.24 1.18 35.94
H22 PEG K . -10.11 0.61 34.72
H31 PEG K . -10.81 3.37 35.28
H32 PEG K . -9.78 2.92 33.91
H41 PEG K . -10.71 5.06 33.34
H42 PEG K . -11.60 3.88 32.37
HO4 PEG K . -13.01 5.39 33.46
N1 DCP L . -0.91 -15.19 -23.24
C2 DCP L . -0.04 -16.23 -22.80
N3 DCP L . -0.11 -17.45 -23.38
C4 DCP L . -0.98 -17.68 -24.38
C5 DCP L . -1.83 -16.67 -24.81
C6 DCP L . -1.77 -15.43 -24.22
O2 DCP L . 0.77 -16.02 -21.87
N4 DCP L . -1.03 -18.90 -24.96
C1' DCP L . -0.86 -13.86 -22.62
C2' DCP L . -0.23 -12.87 -23.59
C3' DCP L . -1.32 -11.88 -23.93
C4' DCP L . -2.41 -12.11 -22.88
O4' DCP L . -2.20 -13.42 -22.35
O3' DCP L . -0.84 -10.54 -23.91
C5' DCP L . -3.81 -11.99 -23.46
O5' DCP L . -3.91 -12.80 -24.63
PA DCP L . -4.80 -12.33 -25.88
O1A DCP L . -5.34 -13.57 -26.56
O2A DCP L . -5.75 -11.25 -25.45
O3A DCP L . -3.67 -11.69 -26.81
PB DCP L . -3.79 -10.15 -27.27
O1B DCP L . -5.14 -9.62 -26.87
O2B DCP L . -2.55 -9.43 -26.79
O3B DCP L . -3.74 -10.29 -28.87
PG DCP L . -5.09 -10.03 -29.71
O1G DCP L . -5.17 -11.23 -30.61
O2G DCP L . -6.17 -9.96 -28.66
O3G DCP L . -4.86 -8.72 -30.43
H5 DCP L . -2.53 -16.87 -25.62
H6 DCP L . -2.44 -14.63 -24.56
HN41 DCP L . -0.42 -19.65 -24.65
HN42 DCP L . -1.69 -19.08 -25.71
H1' DCP L . -0.28 -13.89 -21.69
H2'1 DCP L . 0.13 -13.38 -24.48
H2'2 DCP L . 0.61 -12.35 -23.11
H3' DCP L . -1.74 -12.13 -24.92
H4' DCP L . -2.29 -11.36 -22.08
HO3' DCP L . -0.10 -10.45 -24.52
H5'1 DCP L . -4.55 -12.31 -22.72
H5'2 DCP L . -4.02 -10.95 -23.72
CA CA M . -6.85 -9.70 -26.27
C1 GOL N . 3.84 -2.96 -22.52
O1 GOL N . 4.11 -2.62 -23.87
C2 GOL N . 2.64 -3.89 -22.43
O2 GOL N . 2.69 -4.60 -21.22
C3 GOL N . 1.33 -3.09 -22.51
O3 GOL N . 0.49 -3.66 -23.50
H11 GOL N . 3.64 -2.04 -21.96
H12 GOL N . 4.71 -3.44 -22.09
HO1 GOL N . 4.85 -1.97 -23.90
H2 GOL N . 2.67 -4.58 -23.27
HO2 GOL N . 2.64 -3.97 -20.46
H31 GOL N . 1.55 -2.05 -22.75
H32 GOL N . 0.83 -3.12 -21.54
HO3 GOL N . 0.93 -3.58 -24.37
#